data_9K7W
#
_entry.id   9K7W
#
_cell.length_a   53.464
_cell.length_b   77.921
_cell.length_c   68.417
_cell.angle_alpha   90.00
_cell.angle_beta   95.26
_cell.angle_gamma   90.00
#
_symmetry.space_group_name_H-M   'P 1 21 1'
#
loop_
_entity.id
_entity.type
_entity.pdbx_description
1 polymer C3-Ni1-HH*3-18
2 non-polymer 'NICKEL (II) ION'
3 non-polymer 'NITRATE ION'
4 water water
#
_entity_poly.entity_id   1
_entity_poly.type   'polypeptide(L)'
_entity_poly.pdbx_seq_one_letter_code
;MGHHHHHHHHSSGLEVLFQGPGGTEAQKKKKELSKKAQEVVELAKEGKVDEAVELGLKVIEEATKLGLQDAVMFLLFKLH
EAVHELKKKGNEEGVKKIEEVKKKAEEALSRL
;
_entity_poly.pdbx_strand_id   A,B,C,D,E,F
#
# COMPACT_ATOMS: atom_id res chain seq x y z
N GLU A 25 -12.67 -3.29 -13.32
CA GLU A 25 -11.74 -3.42 -12.19
C GLU A 25 -10.31 -3.01 -12.58
N ALA A 26 -9.48 -2.74 -11.56
CA ALA A 26 -8.19 -2.13 -11.80
C ALA A 26 -7.12 -3.13 -12.24
N GLN A 27 -7.32 -4.42 -11.93
CA GLN A 27 -6.47 -5.47 -12.48
C GLN A 27 -6.55 -5.50 -14.01
N LYS A 28 -7.75 -5.38 -14.56
CA LYS A 28 -7.90 -5.40 -16.02
C LYS A 28 -7.10 -4.28 -16.66
N LYS A 29 -7.21 -3.07 -16.08
CA LYS A 29 -6.47 -1.93 -16.61
C LYS A 29 -4.96 -2.13 -16.49
N LYS A 30 -4.51 -2.75 -15.38
CA LYS A 30 -3.09 -2.99 -15.23
C LYS A 30 -2.56 -3.94 -16.30
N LYS A 31 -3.30 -5.03 -16.56
CA LYS A 31 -2.87 -5.94 -17.65
C LYS A 31 -2.91 -5.26 -19.02
N GLU A 32 -3.95 -4.48 -19.29
CA GLU A 32 -4.01 -3.74 -20.55
C GLU A 32 -2.78 -2.87 -20.76
N LEU A 33 -2.40 -2.11 -19.73
CA LEU A 33 -1.25 -1.22 -19.84
C LEU A 33 0.05 -2.00 -19.96
N SER A 34 0.15 -3.14 -19.28
CA SER A 34 1.31 -4.01 -19.47
C SER A 34 1.41 -4.44 -20.93
N LYS A 35 0.28 -4.87 -21.51
CA LYS A 35 0.22 -5.25 -22.93
C LYS A 35 0.75 -4.14 -23.82
N LYS A 36 0.24 -2.92 -23.62
CA LYS A 36 0.71 -1.79 -24.44
C LYS A 36 2.20 -1.58 -24.26
N ALA A 37 2.72 -1.78 -23.05
CA ALA A 37 4.14 -1.60 -22.82
C ALA A 37 4.96 -2.62 -23.60
N GLN A 38 4.50 -3.87 -23.66
CA GLN A 38 5.18 -4.87 -24.46
C GLN A 38 5.13 -4.54 -25.95
N GLU A 39 3.98 -4.04 -26.40
CA GLU A 39 3.89 -3.70 -27.82
C GLU A 39 4.82 -2.57 -28.15
N VAL A 40 5.07 -1.62 -27.23
CA VAL A 40 6.05 -0.58 -27.55
C VAL A 40 7.38 -1.20 -28.00
N VAL A 41 7.79 -2.30 -27.35
CA VAL A 41 9.06 -2.93 -27.70
C VAL A 41 8.97 -3.59 -29.07
N GLU A 42 7.88 -4.36 -29.29
CA GLU A 42 7.69 -5.02 -30.58
C GLU A 42 7.64 -4.01 -31.72
N LEU A 43 6.87 -2.94 -31.55
CA LEU A 43 6.82 -1.88 -32.56
C LEU A 43 8.20 -1.28 -32.81
N ALA A 44 9.00 -1.09 -31.74
CA ALA A 44 10.33 -0.54 -31.94
C ALA A 44 11.19 -1.48 -32.77
N LYS A 45 11.06 -2.79 -32.52
CA LYS A 45 11.77 -3.83 -33.29
C LYS A 45 11.44 -3.76 -34.77
N GLU A 46 10.18 -3.52 -35.12
CA GLU A 46 9.74 -3.44 -36.51
C GLU A 46 9.96 -2.05 -37.11
N GLY A 47 10.64 -1.16 -36.42
CA GLY A 47 10.82 0.20 -36.90
C GLY A 47 9.63 1.13 -36.78
N LYS A 48 8.54 0.73 -36.11
CA LYS A 48 7.33 1.57 -36.05
C LYS A 48 7.38 2.50 -34.85
N VAL A 49 8.30 3.46 -34.91
CA VAL A 49 8.66 4.22 -33.71
C VAL A 49 7.58 5.24 -33.36
N ASP A 50 7.02 5.92 -34.37
CA ASP A 50 5.95 6.87 -34.10
C ASP A 50 4.79 6.20 -33.37
N GLU A 51 4.37 5.03 -33.86
CA GLU A 51 3.32 4.27 -33.17
C GLU A 51 3.73 3.89 -31.75
N ALA A 52 5.00 3.47 -31.55
CA ALA A 52 5.43 3.09 -30.21
C ALA A 52 5.37 4.30 -29.27
N VAL A 53 5.82 5.46 -29.73
CA VAL A 53 5.73 6.70 -28.98
C VAL A 53 4.30 6.96 -28.58
N GLU A 54 3.37 6.77 -29.52
CA GLU A 54 1.96 7.02 -29.25
C GLU A 54 1.40 6.08 -28.17
N LEU A 55 1.69 4.79 -28.28
CA LEU A 55 1.29 3.85 -27.23
C LEU A 55 1.90 4.21 -25.88
N GLY A 56 3.14 4.69 -25.88
CA GLY A 56 3.80 5.02 -24.63
C GLY A 56 3.17 6.22 -23.95
N LEU A 57 2.80 7.23 -24.75
CA LEU A 57 2.07 8.36 -24.19
C LEU A 57 0.72 7.92 -23.62
N LYS A 58 0.01 7.04 -24.35
CA LYS A 58 -1.23 6.48 -23.84
C LYS A 58 -1.03 5.78 -22.49
N VAL A 59 0.05 4.99 -22.36
CA VAL A 59 0.28 4.30 -21.09
C VAL A 59 0.48 5.30 -19.97
N ILE A 60 1.27 6.35 -20.23
CA ILE A 60 1.44 7.40 -19.24
C ILE A 60 0.09 8.01 -18.86
N GLU A 61 -0.72 8.37 -19.85
CA GLU A 61 -1.98 9.06 -19.54
C GLU A 61 -2.89 8.18 -18.69
N GLU A 62 -3.06 6.92 -19.07
CA GLU A 62 -4.00 6.09 -18.33
C GLU A 62 -3.47 5.77 -16.93
N ALA A 63 -2.20 5.41 -16.80
CA ALA A 63 -1.67 5.12 -15.47
C ALA A 63 -1.71 6.35 -14.58
N THR A 64 -1.44 7.53 -15.15
CA THR A 64 -1.43 8.78 -14.39
C THR A 64 -2.82 9.10 -13.86
N LYS A 65 -3.86 8.83 -14.67
CA LYS A 65 -5.22 9.08 -14.18
C LYS A 65 -5.73 7.96 -13.28
N LEU A 66 -5.14 6.77 -13.33
CA LEU A 66 -5.47 5.71 -12.39
C LEU A 66 -4.49 5.62 -11.21
N GLY A 67 -3.46 6.45 -11.15
CA GLY A 67 -2.48 6.30 -10.08
C GLY A 67 -1.77 4.96 -10.05
N LEU A 68 -1.43 4.41 -11.21
CA LEU A 68 -0.71 3.14 -11.29
C LEU A 68 0.79 3.38 -11.40
N GLN A 69 1.48 3.34 -10.25
CA GLN A 69 2.93 3.56 -10.22
C GLN A 69 3.68 2.45 -10.95
N ASP A 70 3.34 1.19 -10.66
CA ASP A 70 4.09 0.08 -11.24
C ASP A 70 3.82 -0.03 -12.72
N ALA A 71 2.66 0.45 -13.19
CA ALA A 71 2.42 0.44 -14.62
C ALA A 71 3.45 1.31 -15.33
N VAL A 72 3.75 2.50 -14.76
CA VAL A 72 4.75 3.38 -15.35
C VAL A 72 6.16 2.79 -15.16
N MET A 73 6.44 2.19 -14.01
CA MET A 73 7.75 1.57 -13.79
C MET A 73 8.03 0.49 -14.85
N PHE A 74 7.02 -0.35 -15.11
CA PHE A 74 7.15 -1.36 -16.14
C PHE A 74 7.34 -0.73 -17.51
N LEU A 75 6.50 0.25 -17.85
CA LEU A 75 6.70 0.97 -19.11
C LEU A 75 8.15 1.44 -19.24
N LEU A 76 8.75 1.97 -18.17
CA LEU A 76 10.12 2.47 -18.25
C LEU A 76 11.10 1.35 -18.59
N PHE A 77 10.99 0.21 -17.88
CA PHE A 77 11.67 -1.02 -18.27
C PHE A 77 11.56 -1.31 -19.78
N LYS A 78 10.33 -1.29 -20.29
CA LYS A 78 10.14 -1.58 -21.70
C LYS A 78 10.73 -0.49 -22.59
N LEU A 79 10.70 0.77 -22.16
CA LEU A 79 11.30 1.81 -22.99
C LEU A 79 12.81 1.61 -23.12
N HIS A 80 13.45 1.15 -22.04
CA HIS A 80 14.87 0.80 -22.15
C HIS A 80 15.09 -0.34 -23.16
N GLU A 81 14.24 -1.37 -23.12
CA GLU A 81 14.34 -2.45 -24.11
C GLU A 81 14.17 -1.92 -25.54
N ALA A 82 13.27 -0.95 -25.73
CA ALA A 82 13.07 -0.37 -27.06
C ALA A 82 14.30 0.39 -27.52
N VAL A 83 14.99 1.05 -26.58
CA VAL A 83 16.27 1.72 -26.90
C VAL A 83 17.34 0.71 -27.31
N HIS A 84 17.47 -0.39 -26.56
CA HIS A 84 18.33 -1.49 -26.99
C HIS A 84 18.04 -1.85 -28.46
N GLU A 85 16.78 -2.13 -28.79
CA GLU A 85 16.43 -2.59 -30.14
C GLU A 85 16.78 -1.54 -31.18
N LEU A 86 16.54 -0.27 -30.88
CA LEU A 86 16.88 0.74 -31.87
C LEU A 86 18.38 1.02 -31.98
N LYS A 87 19.16 0.73 -30.92
CA LYS A 87 20.62 0.87 -31.04
C LYS A 87 21.18 -0.24 -31.92
N LYS A 88 20.69 -1.47 -31.73
CA LYS A 88 21.07 -2.59 -32.61
C LYS A 88 20.91 -2.23 -34.09
N LYS A 89 19.85 -1.52 -34.42
CA LYS A 89 19.58 -1.11 -35.79
C LYS A 89 20.19 0.24 -36.15
N GLY A 90 20.95 0.86 -35.25
CA GLY A 90 21.60 2.12 -35.58
C GLY A 90 20.64 3.23 -35.92
N ASN A 91 19.44 3.23 -35.30
CA ASN A 91 18.38 4.22 -35.58
C ASN A 91 18.42 5.27 -34.48
N GLU A 92 19.22 6.31 -34.69
CA GLU A 92 19.37 7.26 -33.58
C GLU A 92 18.20 8.25 -33.48
N GLU A 93 17.53 8.57 -34.59
CA GLU A 93 16.31 9.38 -34.51
C GLU A 93 15.24 8.67 -33.68
N GLY A 94 15.09 7.36 -33.89
CA GLY A 94 14.15 6.59 -33.11
C GLY A 94 14.52 6.60 -31.64
N VAL A 95 15.81 6.38 -31.35
CA VAL A 95 16.29 6.43 -29.97
C VAL A 95 15.92 7.76 -29.32
N LYS A 96 16.08 8.87 -30.05
CA LYS A 96 15.70 10.15 -29.49
C LYS A 96 14.24 10.17 -29.13
N LYS A 97 13.38 9.76 -30.07
CA LYS A 97 11.94 9.78 -29.80
C LYS A 97 11.61 8.96 -28.55
N ILE A 98 12.21 7.77 -28.47
CA ILE A 98 11.90 6.90 -27.33
C ILE A 98 12.36 7.56 -26.05
N GLU A 99 13.53 8.22 -26.07
CA GLU A 99 14.04 8.81 -24.85
C GLU A 99 13.21 10.01 -24.42
N GLU A 100 12.65 10.74 -25.38
CA GLU A 100 11.69 11.80 -25.05
C GLU A 100 10.51 11.23 -24.28
N VAL A 101 9.95 10.12 -24.78
CA VAL A 101 8.81 9.50 -24.07
C VAL A 101 9.27 8.92 -22.74
N LYS A 102 10.50 8.44 -22.68
CA LYS A 102 11.04 7.98 -21.40
C LYS A 102 11.10 9.10 -20.38
N LYS A 103 11.60 10.26 -20.79
CA LYS A 103 11.65 11.40 -19.89
C LYS A 103 10.25 11.72 -19.37
N LYS A 104 9.26 11.74 -20.26
CA LYS A 104 7.89 12.02 -19.84
C LYS A 104 7.39 10.97 -18.84
N ALA A 105 7.68 9.70 -19.10
CA ALA A 105 7.25 8.66 -18.17
C ALA A 105 7.93 8.81 -16.80
N GLU A 106 9.23 9.12 -16.80
CA GLU A 106 9.97 9.38 -15.57
C GLU A 106 9.32 10.51 -14.77
N GLU A 107 8.94 11.59 -15.48
CA GLU A 107 8.25 12.71 -14.85
C GLU A 107 6.97 12.24 -14.18
N ALA A 108 6.14 11.48 -14.91
CA ALA A 108 4.89 11.01 -14.33
C ALA A 108 5.14 10.13 -13.12
N LEU A 109 6.17 9.29 -13.18
CA LEU A 109 6.49 8.40 -12.06
C LEU A 109 6.85 9.18 -10.81
N SER A 110 7.52 10.34 -10.98
CA SER A 110 7.84 11.19 -9.83
C SER A 110 6.57 11.66 -9.14
N ARG A 111 5.54 11.96 -9.90
CA ARG A 111 4.30 12.49 -9.35
C ARG A 111 3.37 11.39 -8.84
N LEU A 112 3.79 10.14 -8.89
CA LEU A 112 2.89 9.03 -8.59
C LEU A 112 3.25 8.24 -7.32
N GLU B 25 6.46 16.85 3.28
CA GLU B 25 5.54 16.16 2.37
C GLU B 25 6.34 15.20 1.50
N ALA B 26 6.09 13.89 1.71
CA ALA B 26 6.94 12.86 1.11
C ALA B 26 6.86 12.83 -0.41
N GLN B 27 5.82 13.42 -1.00
CA GLN B 27 5.67 13.46 -2.45
C GLN B 27 6.64 14.47 -3.09
N LYS B 28 6.78 15.67 -2.49
CA LYS B 28 7.85 16.57 -2.89
C LYS B 28 9.20 15.88 -2.80
N LYS B 29 9.40 15.06 -1.77
CA LYS B 29 10.64 14.33 -1.62
C LYS B 29 10.82 13.26 -2.70
N LYS B 30 9.73 12.60 -3.09
CA LYS B 30 9.85 11.62 -4.16
C LYS B 30 10.30 12.30 -5.44
N LYS B 31 9.72 13.46 -5.75
CA LYS B 31 10.16 14.23 -6.91
C LYS B 31 11.64 14.60 -6.81
N GLU B 32 12.11 14.93 -5.60
CA GLU B 32 13.52 15.32 -5.45
C GLU B 32 14.46 14.15 -5.69
N LEU B 33 14.15 12.99 -5.11
CA LEU B 33 14.96 11.79 -5.33
C LEU B 33 14.94 11.37 -6.80
N SER B 34 13.79 11.47 -7.46
CA SER B 34 13.72 11.19 -8.89
C SER B 34 14.65 12.09 -9.69
N LYS B 35 14.65 13.40 -9.38
CA LYS B 35 15.54 14.29 -10.13
C LYS B 35 17.01 13.96 -9.89
N LYS B 36 17.38 13.60 -8.64
CA LYS B 36 18.77 13.20 -8.37
C LYS B 36 19.16 11.97 -9.18
N ALA B 37 18.27 10.98 -9.23
CA ALA B 37 18.55 9.78 -10.00
C ALA B 37 18.77 10.12 -11.47
N GLN B 38 17.94 11.01 -12.01
CA GLN B 38 18.11 11.33 -13.42
C GLN B 38 19.43 12.04 -13.66
N GLU B 39 19.85 12.84 -12.68
CA GLU B 39 21.12 13.52 -12.85
C GLU B 39 22.29 12.54 -12.76
N VAL B 40 22.10 11.40 -12.06
CA VAL B 40 23.15 10.38 -12.07
C VAL B 40 23.49 9.97 -13.50
N VAL B 41 22.48 9.74 -14.34
CA VAL B 41 22.72 9.40 -15.75
C VAL B 41 23.37 10.58 -16.48
N GLU B 42 22.83 11.78 -16.28
CA GLU B 42 23.40 12.96 -16.93
C GLU B 42 24.90 13.10 -16.66
N LEU B 43 25.29 12.92 -15.41
CA LEU B 43 26.69 13.09 -15.03
C LEU B 43 27.53 11.93 -15.52
N ALA B 44 27.00 10.69 -15.53
CA ALA B 44 27.78 9.61 -16.15
C ALA B 44 28.13 9.94 -17.60
N LYS B 45 27.18 10.50 -18.35
CA LYS B 45 27.45 10.86 -19.73
C LYS B 45 28.57 11.91 -19.82
N GLU B 46 28.71 12.74 -18.80
CA GLU B 46 29.73 13.78 -18.72
C GLU B 46 31.07 13.28 -18.22
N GLY B 47 31.17 12.02 -17.80
CA GLY B 47 32.37 11.54 -17.16
C GLY B 47 32.56 11.95 -15.70
N LYS B 48 31.61 12.71 -15.13
CA LYS B 48 31.73 13.10 -13.72
C LYS B 48 31.22 11.95 -12.83
N VAL B 49 32.02 10.89 -12.83
CA VAL B 49 31.58 9.64 -12.20
C VAL B 49 31.46 9.80 -10.69
N ASP B 50 32.43 10.44 -10.04
CA ASP B 50 32.38 10.55 -8.58
C ASP B 50 31.16 11.34 -8.12
N GLU B 51 30.85 12.44 -8.81
CA GLU B 51 29.65 13.20 -8.52
C GLU B 51 28.37 12.37 -8.70
N ALA B 52 28.28 11.59 -9.79
CA ALA B 52 27.11 10.71 -9.98
C ALA B 52 27.00 9.69 -8.87
N VAL B 53 28.14 9.13 -8.44
CA VAL B 53 28.15 8.21 -7.32
C VAL B 53 27.60 8.89 -6.08
N GLU B 54 28.11 10.10 -5.79
CA GLU B 54 27.64 10.85 -4.64
C GLU B 54 26.13 11.03 -4.66
N LEU B 55 25.58 11.41 -5.83
CA LEU B 55 24.15 11.61 -5.94
C LEU B 55 23.38 10.30 -5.68
N GLY B 56 23.89 9.17 -6.19
CA GLY B 56 23.21 7.91 -5.95
C GLY B 56 23.22 7.49 -4.49
N LEU B 57 24.34 7.71 -3.79
CA LEU B 57 24.40 7.39 -2.36
C LEU B 57 23.42 8.24 -1.59
N LYS B 58 23.24 9.49 -1.99
CA LYS B 58 22.30 10.34 -1.27
C LYS B 58 20.86 9.91 -1.54
N VAL B 59 20.55 9.45 -2.76
CA VAL B 59 19.24 8.83 -3.00
C VAL B 59 19.03 7.64 -2.08
N ILE B 60 20.02 6.75 -2.01
CA ILE B 60 19.89 5.55 -1.17
C ILE B 60 19.67 5.93 0.27
N GLU B 61 20.50 6.81 0.79
CA GLU B 61 20.41 7.19 2.20
C GLU B 61 19.04 7.80 2.51
N GLU B 62 18.66 8.83 1.73
CA GLU B 62 17.39 9.52 1.94
C GLU B 62 16.19 8.59 1.78
N ALA B 63 16.28 7.59 0.87
CA ALA B 63 15.17 6.68 0.61
C ALA B 63 15.05 5.61 1.69
N THR B 64 16.19 5.15 2.23
CA THR B 64 16.21 4.18 3.30
C THR B 64 15.70 4.77 4.62
N LYS B 65 16.03 6.05 4.90
CA LYS B 65 15.47 6.68 6.09
C LYS B 65 13.97 6.85 5.97
N LEU B 66 13.51 7.42 4.85
CA LEU B 66 12.08 7.61 4.63
C LEU B 66 11.38 6.38 4.07
N GLY B 67 12.01 5.21 4.14
CA GLY B 67 11.44 3.96 3.66
C GLY B 67 10.74 3.93 2.32
N LEU B 68 11.31 4.48 1.25
CA LEU B 68 10.58 4.55 -0.02
C LEU B 68 11.27 3.66 -1.06
N GLN B 69 10.81 2.41 -1.15
CA GLN B 69 11.37 1.44 -2.09
C GLN B 69 11.26 1.90 -3.54
N ASP B 70 10.17 2.56 -3.92
CA ASP B 70 9.99 2.92 -5.33
C ASP B 70 11.04 3.93 -5.83
N ALA B 71 11.49 4.85 -4.95
CA ALA B 71 12.63 5.72 -5.26
C ALA B 71 13.92 4.92 -5.47
N VAL B 72 14.15 3.88 -4.67
CA VAL B 72 15.30 3.01 -4.87
C VAL B 72 15.18 2.20 -6.17
N MET B 73 13.99 1.69 -6.48
CA MET B 73 13.82 0.94 -7.72
C MET B 73 14.11 1.80 -8.94
N PHE B 74 13.58 3.02 -8.93
CA PHE B 74 13.86 3.95 -10.02
C PHE B 74 15.36 4.25 -10.09
N LEU B 75 15.99 4.43 -8.93
CA LEU B 75 17.44 4.61 -8.89
C LEU B 75 18.15 3.45 -9.58
N LEU B 76 17.75 2.20 -9.31
CA LEU B 76 18.42 1.05 -9.93
C LEU B 76 18.31 1.10 -11.46
N PHE B 77 17.10 1.36 -11.97
CA PHE B 77 16.89 1.59 -13.40
C PHE B 77 17.90 2.61 -13.96
N LYS B 78 17.98 3.77 -13.31
CA LYS B 78 18.88 4.82 -13.76
C LYS B 78 20.35 4.38 -13.64
N LEU B 79 20.71 3.63 -12.60
CA LEU B 79 22.08 3.13 -12.47
C LEU B 79 22.45 2.22 -13.64
N HIS B 80 21.50 1.40 -14.08
CA HIS B 80 21.72 0.59 -15.28
C HIS B 80 21.99 1.48 -16.49
N GLU B 81 21.18 2.54 -16.66
CA GLU B 81 21.48 3.48 -17.75
C GLU B 81 22.88 4.11 -17.63
N ALA B 82 23.33 4.38 -16.41
CA ALA B 82 24.66 4.98 -16.27
C ALA B 82 25.77 3.97 -16.64
N VAL B 83 25.56 2.70 -16.31
CA VAL B 83 26.45 1.64 -16.76
C VAL B 83 26.51 1.61 -18.28
N HIS B 84 25.35 1.70 -18.93
CA HIS B 84 25.29 1.86 -20.40
C HIS B 84 26.22 2.98 -20.88
N GLU B 85 26.04 4.18 -20.33
CA GLU B 85 26.83 5.31 -20.78
C GLU B 85 28.33 5.06 -20.60
N LEU B 86 28.74 4.50 -19.44
CA LEU B 86 30.16 4.31 -19.18
C LEU B 86 30.77 3.21 -20.05
N LYS B 87 30.07 2.08 -20.22
CA LYS B 87 30.50 1.09 -21.21
C LYS B 87 30.69 1.72 -22.59
N LYS B 88 29.74 2.54 -23.02
CA LYS B 88 29.85 3.12 -24.34
C LYS B 88 31.15 3.92 -24.48
N LYS B 89 31.61 4.55 -23.39
CA LYS B 89 32.86 5.28 -23.44
C LYS B 89 34.07 4.43 -23.02
N GLY B 90 33.87 3.14 -22.76
CA GLY B 90 34.99 2.25 -22.47
C GLY B 90 35.70 2.58 -21.19
N ASN B 91 34.97 3.13 -20.23
CA ASN B 91 35.47 3.56 -18.93
C ASN B 91 35.14 2.45 -17.95
N GLU B 92 36.06 1.50 -17.81
CA GLU B 92 35.85 0.39 -16.87
C GLU B 92 35.88 0.86 -15.42
N GLU B 93 36.75 1.84 -15.10
CA GLU B 93 36.83 2.30 -13.71
C GLU B 93 35.52 2.93 -13.26
N GLY B 94 34.98 3.84 -14.08
CA GLY B 94 33.65 4.37 -13.81
C GLY B 94 32.57 3.30 -13.72
N VAL B 95 32.68 2.26 -14.56
CA VAL B 95 31.71 1.17 -14.47
C VAL B 95 31.79 0.51 -13.11
N LYS B 96 33.02 0.24 -12.64
CA LYS B 96 33.19 -0.35 -11.32
C LYS B 96 32.51 0.50 -10.25
N LYS B 97 32.78 1.80 -10.29
CA LYS B 97 32.23 2.72 -9.30
C LYS B 97 30.70 2.65 -9.31
N ILE B 98 30.11 2.75 -10.50
CA ILE B 98 28.65 2.72 -10.63
C ILE B 98 28.12 1.38 -10.14
N GLU B 99 28.85 0.30 -10.42
CA GLU B 99 28.35 -1.01 -10.03
C GLU B 99 28.35 -1.20 -8.52
N GLU B 100 29.33 -0.60 -7.82
CA GLU B 100 29.31 -0.63 -6.35
C GLU B 100 28.07 0.05 -5.80
N VAL B 101 27.74 1.21 -6.38
CA VAL B 101 26.52 1.88 -5.94
C VAL B 101 25.28 1.02 -6.30
N LYS B 102 25.32 0.33 -7.44
CA LYS B 102 24.25 -0.60 -7.82
C LYS B 102 24.03 -1.67 -6.73
N LYS B 103 25.08 -2.38 -6.37
CA LYS B 103 24.95 -3.41 -5.35
C LYS B 103 24.42 -2.83 -4.04
N LYS B 104 24.87 -1.63 -3.67
CA LYS B 104 24.36 -0.99 -2.45
C LYS B 104 22.86 -0.74 -2.57
N ALA B 105 22.42 -0.24 -3.73
CA ALA B 105 21.00 0.03 -3.90
C ALA B 105 20.18 -1.27 -3.88
N GLU B 106 20.76 -2.37 -4.36
CA GLU B 106 20.05 -3.65 -4.32
C GLU B 106 19.89 -4.14 -2.88
N GLU B 107 20.94 -4.04 -2.08
CA GLU B 107 20.81 -4.38 -0.66
C GLU B 107 19.75 -3.54 0.03
N ALA B 108 19.81 -2.21 -0.16
CA ALA B 108 18.83 -1.34 0.49
C ALA B 108 17.41 -1.63 -0.01
N LEU B 109 17.28 -1.99 -1.28
CA LEU B 109 15.96 -2.34 -1.80
C LEU B 109 15.41 -3.58 -1.12
N SER B 110 16.23 -4.62 -1.03
CA SER B 110 15.82 -5.85 -0.36
C SER B 110 15.34 -5.59 1.05
N ARG B 111 16.06 -4.71 1.78
CA ARG B 111 15.65 -4.44 3.14
C ARG B 111 14.41 -3.55 3.23
N LEU B 112 13.95 -2.96 2.13
CA LEU B 112 12.77 -2.12 2.22
C LEU B 112 11.54 -2.91 1.81
N GLU C 25 8.50 -11.38 9.07
CA GLU C 25 8.62 -12.46 8.08
C GLU C 25 8.72 -11.95 6.65
N ALA C 26 8.02 -10.84 6.36
CA ALA C 26 7.98 -10.31 5.00
C ALA C 26 9.37 -9.88 4.53
N GLN C 27 10.17 -9.28 5.41
CA GLN C 27 11.48 -8.82 4.98
C GLN C 27 12.44 -10.00 4.76
N LYS C 28 12.30 -11.08 5.53
CA LYS C 28 13.11 -12.27 5.29
C LYS C 28 12.85 -12.82 3.89
N LYS C 29 11.59 -13.04 3.53
CA LYS C 29 11.28 -13.58 2.20
C LYS C 29 11.71 -12.62 1.09
N LYS C 30 11.43 -11.32 1.23
CA LYS C 30 11.86 -10.38 0.20
C LYS C 30 13.36 -10.45 0.01
N LYS C 31 14.11 -10.59 1.10
CA LYS C 31 15.56 -10.65 0.99
C LYS C 31 16.03 -11.92 0.28
N GLU C 32 15.42 -13.07 0.63
CA GLU C 32 15.74 -14.32 -0.05
C GLU C 32 15.48 -14.22 -1.55
N LEU C 33 14.37 -13.61 -1.95
CA LEU C 33 14.09 -13.54 -3.39
C LEU C 33 15.00 -12.53 -4.08
N SER C 34 15.43 -11.46 -3.38
CA SER C 34 16.46 -10.57 -3.91
C SER C 34 17.75 -11.34 -4.22
N LYS C 35 18.20 -12.18 -3.27
CA LYS C 35 19.42 -12.95 -3.48
C LYS C 35 19.25 -13.94 -4.62
N LYS C 36 18.09 -14.59 -4.70
CA LYS C 36 17.88 -15.50 -5.84
C LYS C 36 17.95 -14.74 -7.17
N ALA C 37 17.34 -13.56 -7.26
CA ALA C 37 17.40 -12.84 -8.53
C ALA C 37 18.84 -12.47 -8.88
N GLN C 38 19.64 -12.15 -7.86
CA GLN C 38 21.08 -11.90 -8.05
C GLN C 38 21.82 -13.15 -8.50
N GLU C 39 21.52 -14.30 -7.90
CA GLU C 39 22.19 -15.52 -8.32
C GLU C 39 21.84 -15.90 -9.74
N VAL C 40 20.67 -15.49 -10.23
CA VAL C 40 20.36 -15.67 -11.65
C VAL C 40 21.48 -15.07 -12.53
N VAL C 41 21.83 -13.80 -12.26
CA VAL C 41 22.89 -13.15 -13.03
C VAL C 41 24.22 -13.86 -12.83
N GLU C 42 24.51 -14.29 -11.59
CA GLU C 42 25.75 -15.04 -11.35
C GLU C 42 25.85 -16.24 -12.27
N LEU C 43 24.80 -17.04 -12.29
CA LEU C 43 24.80 -18.29 -13.05
C LEU C 43 24.82 -18.03 -14.55
N ALA C 44 24.16 -16.95 -15.01
CA ALA C 44 24.32 -16.57 -16.41
C ALA C 44 25.77 -16.27 -16.71
N LYS C 45 26.43 -15.50 -15.83
CA LYS C 45 27.82 -15.08 -16.03
C LYS C 45 28.77 -16.28 -16.07
N GLU C 46 28.61 -17.22 -15.15
CA GLU C 46 29.38 -18.45 -15.14
C GLU C 46 28.98 -19.42 -16.25
N GLY C 47 28.06 -19.03 -17.13
CA GLY C 47 27.65 -19.89 -18.22
C GLY C 47 26.66 -21.00 -17.89
N LYS C 48 26.03 -20.98 -16.72
CA LYS C 48 25.03 -22.00 -16.37
C LYS C 48 23.64 -21.44 -16.68
N VAL C 49 23.24 -21.54 -17.94
CA VAL C 49 22.00 -20.94 -18.39
C VAL C 49 20.79 -21.72 -17.85
N ASP C 50 20.79 -23.04 -18.05
CA ASP C 50 19.70 -23.90 -17.53
C ASP C 50 19.42 -23.59 -16.07
N GLU C 51 20.48 -23.55 -15.27
CA GLU C 51 20.32 -23.34 -13.84
C GLU C 51 19.73 -21.96 -13.54
N ALA C 52 20.17 -20.94 -14.27
CA ALA C 52 19.58 -19.61 -14.12
C ALA C 52 18.09 -19.61 -14.49
N VAL C 53 17.74 -20.25 -15.61
CA VAL C 53 16.33 -20.38 -16.03
C VAL C 53 15.47 -20.96 -14.91
N GLU C 54 15.94 -22.05 -14.31
CA GLU C 54 15.12 -22.72 -13.30
C GLU C 54 15.00 -21.89 -12.04
N LEU C 55 16.10 -21.25 -11.62
CA LEU C 55 16.01 -20.37 -10.46
C LEU C 55 15.06 -19.22 -10.73
N GLY C 56 15.15 -18.62 -11.93
CA GLY C 56 14.21 -17.57 -12.31
C GLY C 56 12.76 -18.02 -12.21
N LEU C 57 12.47 -19.23 -12.69
CA LEU C 57 11.10 -19.76 -12.61
C LEU C 57 10.67 -19.90 -11.15
N LYS C 58 11.55 -20.45 -10.30
CA LYS C 58 11.22 -20.59 -8.89
C LYS C 58 10.91 -19.23 -8.26
N VAL C 59 11.67 -18.21 -8.64
CA VAL C 59 11.40 -16.86 -8.14
C VAL C 59 10.01 -16.41 -8.55
N ILE C 60 9.67 -16.56 -9.83
CA ILE C 60 8.33 -16.16 -10.30
C ILE C 60 7.24 -16.88 -9.49
N GLU C 61 7.38 -18.19 -9.31
CA GLU C 61 6.34 -18.95 -8.61
C GLU C 61 6.18 -18.47 -7.18
N GLU C 62 7.26 -18.42 -6.40
CA GLU C 62 7.13 -18.00 -5.00
C GLU C 62 6.61 -16.57 -4.90
N ALA C 63 7.23 -15.64 -5.63
CA ALA C 63 6.74 -14.26 -5.70
C ALA C 63 5.24 -14.23 -5.94
N THR C 64 4.76 -15.03 -6.90
CA THR C 64 3.35 -15.03 -7.26
C THR C 64 2.48 -15.50 -6.12
N LYS C 65 2.80 -16.66 -5.57
CA LYS C 65 2.00 -17.21 -4.48
C LYS C 65 1.91 -16.19 -3.35
N LEU C 66 3.00 -15.47 -3.07
CA LEU C 66 3.04 -14.57 -1.92
C LEU C 66 2.57 -13.14 -2.22
N GLY C 67 2.19 -12.85 -3.47
CA GLY C 67 1.70 -11.53 -3.86
C GLY C 67 2.78 -10.45 -3.96
N LEU C 68 4.01 -10.83 -4.28
CA LEU C 68 5.20 -9.99 -4.12
C LEU C 68 5.61 -9.33 -5.44
N GLN C 69 4.84 -8.32 -5.83
CA GLN C 69 5.08 -7.70 -7.12
C GLN C 69 6.45 -7.03 -7.18
N ASP C 70 6.90 -6.44 -6.07
CA ASP C 70 8.20 -5.79 -6.12
C ASP C 70 9.34 -6.79 -6.31
N ALA C 71 9.19 -8.01 -5.77
CA ALA C 71 10.21 -9.01 -6.03
C ALA C 71 10.28 -9.34 -7.53
N VAL C 72 9.14 -9.38 -8.20
CA VAL C 72 9.16 -9.68 -9.63
C VAL C 72 9.75 -8.52 -10.43
N MET C 73 9.46 -7.28 -10.02
CA MET C 73 10.12 -6.15 -10.67
C MET C 73 11.64 -6.29 -10.58
N PHE C 74 12.14 -6.55 -9.38
CA PHE C 74 13.57 -6.70 -9.23
C PHE C 74 14.10 -7.87 -10.06
N LEU C 75 13.31 -8.96 -10.15
CA LEU C 75 13.75 -10.09 -10.97
C LEU C 75 13.87 -9.70 -12.45
N LEU C 76 12.92 -8.90 -12.96
CA LEU C 76 12.94 -8.46 -14.35
C LEU C 76 14.19 -7.61 -14.63
N PHE C 77 14.49 -6.70 -13.70
CA PHE C 77 15.73 -5.92 -13.78
C PHE C 77 16.96 -6.83 -13.90
N LYS C 78 17.02 -7.89 -13.06
CA LYS C 78 18.20 -8.77 -13.08
C LYS C 78 18.21 -9.69 -14.31
N LEU C 79 17.03 -10.07 -14.83
CA LEU C 79 17.00 -10.86 -16.05
C LEU C 79 17.50 -10.04 -17.23
N HIS C 80 17.17 -8.74 -17.26
CA HIS C 80 17.79 -7.89 -18.27
C HIS C 80 19.30 -7.83 -18.13
N GLU C 81 19.81 -7.81 -16.89
CA GLU C 81 21.27 -7.91 -16.70
C GLU C 81 21.82 -9.25 -17.20
N ALA C 82 21.06 -10.32 -17.01
CA ALA C 82 21.49 -11.63 -17.51
C ALA C 82 21.54 -11.65 -19.04
N VAL C 83 20.58 -10.99 -19.68
CA VAL C 83 20.63 -10.86 -21.14
C VAL C 83 21.89 -10.11 -21.56
N HIS C 84 22.14 -8.95 -20.96
CA HIS C 84 23.39 -8.23 -21.17
C HIS C 84 24.60 -9.18 -21.16
N GLU C 85 24.70 -9.99 -20.10
CA GLU C 85 25.87 -10.87 -19.95
C GLU C 85 25.96 -11.88 -21.09
N LEU C 86 24.82 -12.48 -21.44
CA LEU C 86 24.83 -13.53 -22.44
C LEU C 86 25.11 -12.97 -23.82
N LYS C 87 24.53 -11.81 -24.17
CA LYS C 87 24.88 -11.16 -25.42
C LYS C 87 26.35 -10.79 -25.46
N LYS C 88 26.96 -10.54 -24.28
CA LYS C 88 28.40 -10.28 -24.25
C LYS C 88 29.19 -11.52 -24.62
N LYS C 89 28.72 -12.70 -24.26
CA LYS C 89 29.38 -13.90 -24.78
C LYS C 89 28.85 -14.34 -26.14
N GLY C 90 28.05 -13.52 -26.82
CA GLY C 90 27.42 -13.91 -28.08
C GLY C 90 26.66 -15.22 -28.04
N ASN C 91 25.96 -15.50 -26.94
CA ASN C 91 25.29 -16.80 -26.76
C ASN C 91 23.79 -16.60 -27.04
N GLU C 92 23.40 -16.77 -28.31
CA GLU C 92 22.03 -16.44 -28.72
C GLU C 92 21.00 -17.36 -28.07
N GLU C 93 21.31 -18.65 -27.99
CA GLU C 93 20.36 -19.61 -27.38
C GLU C 93 20.03 -19.22 -25.96
N GLY C 94 21.08 -18.98 -25.15
CA GLY C 94 20.88 -18.60 -23.77
C GLY C 94 20.03 -17.35 -23.66
N VAL C 95 20.28 -16.37 -24.52
CA VAL C 95 19.47 -15.17 -24.54
C VAL C 95 18.00 -15.50 -24.75
N LYS C 96 17.70 -16.33 -25.76
CA LYS C 96 16.31 -16.70 -26.04
C LYS C 96 15.64 -17.34 -24.81
N LYS C 97 16.38 -18.24 -24.15
CA LYS C 97 15.89 -18.90 -22.94
C LYS C 97 15.59 -17.88 -21.82
N ILE C 98 16.52 -16.95 -21.62
CA ILE C 98 16.36 -15.99 -20.52
C ILE C 98 15.21 -15.05 -20.82
N GLU C 99 15.04 -14.68 -22.10
CA GLU C 99 13.97 -13.77 -22.51
C GLU C 99 12.60 -14.42 -22.44
N GLU C 100 12.51 -15.74 -22.60
CA GLU C 100 11.20 -16.33 -22.37
C GLU C 100 10.90 -16.40 -20.88
N VAL C 101 11.91 -16.63 -20.04
CA VAL C 101 11.68 -16.45 -18.61
C VAL C 101 11.24 -15.01 -18.31
N LYS C 102 11.86 -14.03 -18.96
CA LYS C 102 11.43 -12.64 -18.78
C LYS C 102 9.96 -12.46 -19.13
N LYS C 103 9.53 -13.07 -20.25
CA LYS C 103 8.13 -12.97 -20.65
C LYS C 103 7.21 -13.55 -19.57
N LYS C 104 7.61 -14.67 -18.96
CA LYS C 104 6.81 -15.22 -17.86
C LYS C 104 6.73 -14.24 -16.69
N ALA C 105 7.87 -13.68 -16.30
CA ALA C 105 7.90 -12.67 -15.24
C ALA C 105 6.99 -11.50 -15.58
N GLU C 106 7.01 -11.03 -16.83
CA GLU C 106 6.19 -9.88 -17.20
C GLU C 106 4.70 -10.19 -17.03
N GLU C 107 4.28 -11.40 -17.42
CA GLU C 107 2.86 -11.77 -17.30
C GLU C 107 2.44 -11.87 -15.83
N ALA C 108 3.25 -12.53 -15.00
CA ALA C 108 2.92 -12.61 -13.59
C ALA C 108 2.85 -11.22 -12.95
N LEU C 109 3.81 -10.36 -13.29
CA LEU C 109 3.78 -8.99 -12.78
C LEU C 109 2.47 -8.32 -13.14
N SER C 110 2.01 -8.54 -14.39
CA SER C 110 0.73 -8.00 -14.85
C SER C 110 -0.42 -8.44 -13.95
N ARG C 111 -0.38 -9.67 -13.45
CA ARG C 111 -1.46 -10.14 -12.58
C ARG C 111 -1.23 -9.86 -11.10
N LEU C 112 -0.23 -9.07 -10.74
CA LEU C 112 0.02 -8.80 -9.32
C LEU C 112 -0.25 -7.35 -8.99
N PRO D 21 8.66 10.08 7.83
CA PRO D 21 7.75 9.19 7.08
C PRO D 21 8.53 8.02 6.48
N GLY D 22 7.97 6.81 6.45
CA GLY D 22 8.68 5.63 5.97
C GLY D 22 9.26 4.68 7.01
N GLY D 23 10.40 5.03 7.60
CA GLY D 23 11.10 4.22 8.59
C GLY D 23 10.84 4.69 10.00
N THR D 24 11.89 4.64 10.83
CA THR D 24 11.81 5.02 12.24
C THR D 24 11.03 6.32 12.43
N GLU D 25 11.21 7.28 11.51
CA GLU D 25 10.45 8.53 11.53
C GLU D 25 8.95 8.26 11.53
N ALA D 26 8.47 7.57 10.48
CA ALA D 26 7.03 7.30 10.34
C ALA D 26 6.51 6.48 11.50
N GLN D 27 7.13 5.34 11.75
CA GLN D 27 6.62 4.42 12.75
C GLN D 27 6.59 5.05 14.12
N LYS D 28 7.61 5.87 14.44
CA LYS D 28 7.63 6.62 15.69
C LYS D 28 6.48 7.61 15.75
N LYS D 29 6.20 8.32 14.66
CA LYS D 29 5.11 9.27 14.76
C LYS D 29 3.76 8.56 14.80
N LYS D 30 3.67 7.32 14.29
CA LYS D 30 2.42 6.55 14.35
C LYS D 30 2.18 6.11 15.78
N LYS D 31 3.22 5.63 16.42
CA LYS D 31 3.14 5.34 17.85
C LYS D 31 2.73 6.56 18.64
N GLU D 32 3.32 7.72 18.32
CA GLU D 32 2.97 8.96 19.02
C GLU D 32 1.49 9.31 18.86
N LEU D 33 0.98 9.24 17.64
CA LEU D 33 -0.40 9.63 17.40
C LEU D 33 -1.38 8.60 18.00
N SER D 34 -0.97 7.33 18.12
CA SER D 34 -1.79 6.38 18.85
C SER D 34 -1.87 6.71 20.33
N LYS D 35 -0.72 6.98 20.96
CA LYS D 35 -0.73 7.41 22.36
C LYS D 35 -1.60 8.66 22.54
N LYS D 36 -1.57 9.56 21.57
CA LYS D 36 -2.40 10.75 21.70
C LYS D 36 -3.90 10.42 21.64
N ALA D 37 -4.27 9.52 20.72
CA ALA D 37 -5.68 9.11 20.63
C ALA D 37 -6.15 8.47 21.93
N GLN D 38 -5.29 7.64 22.54
CA GLN D 38 -5.63 7.08 23.84
C GLN D 38 -5.78 8.18 24.90
N GLU D 39 -4.89 9.19 24.88
CA GLU D 39 -5.01 10.25 25.88
C GLU D 39 -6.29 11.06 25.67
N VAL D 40 -6.87 11.00 24.46
CA VAL D 40 -8.17 11.64 24.24
C VAL D 40 -9.25 10.97 25.09
N VAL D 41 -9.23 9.63 25.15
CA VAL D 41 -10.22 8.94 25.97
C VAL D 41 -9.95 9.19 27.45
N GLU D 42 -8.68 9.11 27.85
CA GLU D 42 -8.37 9.41 29.27
C GLU D 42 -8.85 10.79 29.68
N LEU D 43 -8.66 11.79 28.82
CA LEU D 43 -9.13 13.13 29.16
C LEU D 43 -10.67 13.20 29.19
N ALA D 44 -11.34 12.46 28.31
CA ALA D 44 -12.81 12.44 28.37
C ALA D 44 -13.29 11.90 29.71
N LYS D 45 -12.71 10.79 30.16
CA LYS D 45 -13.15 10.18 31.41
C LYS D 45 -13.02 11.16 32.57
N GLU D 46 -11.90 11.89 32.63
CA GLU D 46 -11.70 12.89 33.68
C GLU D 46 -12.57 14.13 33.51
N GLY D 47 -13.46 14.20 32.51
CA GLY D 47 -14.30 15.37 32.35
C GLY D 47 -13.63 16.62 31.79
N LYS D 48 -12.37 16.52 31.40
CA LYS D 48 -11.65 17.61 30.76
C LYS D 48 -11.91 17.54 29.26
N VAL D 49 -13.11 18.00 28.88
CA VAL D 49 -13.57 17.84 27.49
C VAL D 49 -12.82 18.78 26.54
N ASP D 50 -12.47 19.98 26.98
CA ASP D 50 -11.87 20.92 26.04
C ASP D 50 -10.43 20.55 25.73
N GLU D 51 -9.71 20.02 26.73
CA GLU D 51 -8.37 19.51 26.48
C GLU D 51 -8.37 18.30 25.57
N ALA D 52 -9.35 17.39 25.74
CA ALA D 52 -9.52 16.27 24.80
C ALA D 52 -9.78 16.78 23.40
N VAL D 53 -10.69 17.73 23.25
CA VAL D 53 -10.97 18.29 21.92
C VAL D 53 -9.70 18.85 21.30
N GLU D 54 -8.91 19.57 22.10
CA GLU D 54 -7.67 20.16 21.57
C GLU D 54 -6.71 19.07 21.12
N LEU D 55 -6.54 18.03 21.94
CA LEU D 55 -5.63 16.97 21.54
C LEU D 55 -6.11 16.28 20.26
N GLY D 56 -7.43 16.05 20.16
CA GLY D 56 -7.96 15.41 18.96
C GLY D 56 -7.65 16.20 17.71
N LEU D 57 -7.86 17.52 17.78
CA LEU D 57 -7.56 18.38 16.65
C LEU D 57 -6.08 18.35 16.31
N LYS D 58 -5.22 18.27 17.33
CA LYS D 58 -3.78 18.11 17.05
C LYS D 58 -3.47 16.82 16.31
N VAL D 59 -4.13 15.72 16.70
CA VAL D 59 -3.93 14.45 15.99
C VAL D 59 -4.40 14.58 14.55
N ILE D 60 -5.50 15.30 14.32
CA ILE D 60 -6.00 15.47 12.96
C ILE D 60 -5.01 16.26 12.12
N GLU D 61 -4.53 17.39 12.64
CA GLU D 61 -3.59 18.20 11.87
C GLU D 61 -2.31 17.41 11.58
N GLU D 62 -1.75 16.75 12.60
CA GLU D 62 -0.49 16.04 12.41
C GLU D 62 -0.65 14.89 11.42
N ALA D 63 -1.69 14.08 11.57
CA ALA D 63 -1.91 12.96 10.64
C ALA D 63 -2.20 13.45 9.23
N THR D 64 -3.02 14.50 9.07
CA THR D 64 -3.29 15.04 7.74
C THR D 64 -1.99 15.51 7.07
N LYS D 65 -1.13 16.19 7.83
CA LYS D 65 0.13 16.67 7.27
C LYS D 65 0.99 15.53 6.74
N LEU D 66 1.00 14.39 7.41
CA LEU D 66 1.82 13.24 7.01
C LEU D 66 1.06 12.18 6.23
N GLY D 67 -0.18 12.44 5.85
CA GLY D 67 -0.97 11.47 5.09
C GLY D 67 -1.18 10.12 5.73
N LEU D 68 -1.56 10.08 7.00
CA LEU D 68 -1.66 8.84 7.76
C LEU D 68 -3.12 8.52 8.01
N GLN D 69 -3.76 7.91 7.00
CA GLN D 69 -5.15 7.49 7.11
C GLN D 69 -5.36 6.60 8.34
N ASP D 70 -4.44 5.68 8.57
CA ASP D 70 -4.65 4.71 9.65
C ASP D 70 -4.67 5.42 10.99
N ALA D 71 -3.86 6.47 11.14
CA ALA D 71 -3.87 7.18 12.42
C ALA D 71 -5.21 7.89 12.65
N VAL D 72 -5.78 8.47 11.59
CA VAL D 72 -7.06 9.14 11.75
C VAL D 72 -8.17 8.13 12.04
N MET D 73 -8.09 6.95 11.42
CA MET D 73 -9.10 5.93 11.66
C MET D 73 -9.05 5.43 13.10
N PHE D 74 -7.84 5.24 13.65
CA PHE D 74 -7.76 4.85 15.05
C PHE D 74 -8.30 5.96 15.95
N LEU D 75 -8.03 7.23 15.57
CA LEU D 75 -8.58 8.36 16.31
C LEU D 75 -10.10 8.34 16.34
N LEU D 76 -10.72 8.09 15.20
CA LEU D 76 -12.18 7.97 15.15
C LEU D 76 -12.67 6.90 16.13
N PHE D 77 -12.07 5.72 16.10
CA PHE D 77 -12.41 4.68 17.08
C PHE D 77 -12.30 5.19 18.53
N LYS D 78 -11.22 5.89 18.85
CA LYS D 78 -11.10 6.42 20.21
C LYS D 78 -12.09 7.56 20.49
N LEU D 79 -12.43 8.38 19.49
CA LEU D 79 -13.40 9.44 19.71
C LEU D 79 -14.77 8.86 20.05
N HIS D 80 -15.13 7.74 19.42
CA HIS D 80 -16.37 7.06 19.77
C HIS D 80 -16.28 6.48 21.18
N GLU D 81 -15.10 6.00 21.59
CA GLU D 81 -14.95 5.61 23.00
C GLU D 81 -15.09 6.80 23.95
N ALA D 82 -14.68 7.99 23.50
CA ALA D 82 -14.81 9.19 24.32
C ALA D 82 -16.27 9.55 24.50
N VAL D 83 -17.04 9.42 23.43
CA VAL D 83 -18.49 9.59 23.53
C VAL D 83 -19.06 8.61 24.56
N HIS D 84 -18.67 7.35 24.51
CA HIS D 84 -19.14 6.43 25.56
C HIS D 84 -18.86 6.99 26.96
N GLU D 85 -17.62 7.38 27.22
CA GLU D 85 -17.26 7.88 28.54
C GLU D 85 -18.13 9.08 28.93
N LEU D 86 -18.38 10.00 27.99
CA LEU D 86 -19.15 11.19 28.32
C LEU D 86 -20.65 10.89 28.47
N LYS D 87 -21.13 9.82 27.82
CA LYS D 87 -22.52 9.42 28.01
C LYS D 87 -22.74 8.80 29.38
N LYS D 88 -21.76 8.02 29.88
CA LYS D 88 -21.84 7.44 31.21
C LYS D 88 -21.98 8.48 32.31
N LYS D 89 -21.45 9.69 32.10
CA LYS D 89 -21.60 10.76 33.07
C LYS D 89 -22.74 11.71 32.70
N GLY D 90 -23.47 11.44 31.62
CA GLY D 90 -24.60 12.26 31.25
C GLY D 90 -24.24 13.65 30.75
N ASN D 91 -23.03 13.83 30.18
CA ASN D 91 -22.54 15.15 29.80
C ASN D 91 -22.87 15.40 28.33
N GLU D 92 -24.03 16.01 28.09
CA GLU D 92 -24.51 16.20 26.72
C GLU D 92 -23.63 17.16 25.92
N GLU D 93 -23.28 18.30 26.51
CA GLU D 93 -22.48 19.28 25.76
C GLU D 93 -21.08 18.77 25.51
N GLY D 94 -20.52 17.99 26.45
CA GLY D 94 -19.24 17.34 26.19
C GLY D 94 -19.30 16.41 24.99
N VAL D 95 -20.38 15.65 24.88
CA VAL D 95 -20.56 14.78 23.73
C VAL D 95 -20.63 15.61 22.45
N LYS D 96 -21.42 16.68 22.46
CA LYS D 96 -21.50 17.58 21.30
C LYS D 96 -20.11 17.97 20.81
N LYS D 97 -19.27 18.43 21.75
CA LYS D 97 -17.93 18.87 21.38
C LYS D 97 -17.12 17.74 20.76
N ILE D 98 -17.22 16.52 21.34
CA ILE D 98 -16.45 15.41 20.77
C ILE D 98 -16.94 15.09 19.37
N GLU D 99 -18.25 15.18 19.15
CA GLU D 99 -18.77 14.86 17.83
C GLU D 99 -18.42 15.92 16.81
N GLU D 100 -18.29 17.18 17.23
CA GLU D 100 -17.77 18.19 16.32
C GLU D 100 -16.34 17.83 15.88
N VAL D 101 -15.51 17.39 16.84
CA VAL D 101 -14.15 17.03 16.43
C VAL D 101 -14.15 15.73 15.62
N LYS D 102 -15.13 14.86 15.83
CA LYS D 102 -15.23 13.64 15.04
C LYS D 102 -15.63 13.96 13.59
N LYS D 103 -16.65 14.79 13.41
CA LYS D 103 -17.01 15.24 12.08
C LYS D 103 -15.78 15.79 11.37
N LYS D 104 -14.97 16.57 12.07
CA LYS D 104 -13.71 17.06 11.51
C LYS D 104 -12.77 15.92 11.09
N ALA D 105 -12.57 14.94 11.97
CA ALA D 105 -11.66 13.84 11.64
C ALA D 105 -12.16 13.06 10.44
N GLU D 106 -13.46 12.88 10.34
CA GLU D 106 -14.03 12.15 9.22
C GLU D 106 -13.83 12.89 7.90
N GLU D 107 -13.99 14.22 7.90
CA GLU D 107 -13.74 14.95 6.66
C GLU D 107 -12.29 14.82 6.21
N ALA D 108 -11.37 14.70 7.16
CA ALA D 108 -9.94 14.54 6.85
C ALA D 108 -9.55 13.18 6.27
N LEU D 109 -10.15 12.15 6.84
CA LEU D 109 -9.90 10.79 6.43
C LEU D 109 -10.45 10.60 5.04
N SER D 110 -11.59 11.20 4.79
CA SER D 110 -12.18 11.11 3.46
C SER D 110 -11.35 11.79 2.37
N ARG D 111 -10.51 12.73 2.73
CA ARG D 111 -9.66 13.39 1.74
C ARG D 111 -8.31 12.73 1.63
N LEU D 112 -7.97 11.87 2.58
CA LEU D 112 -6.78 11.08 2.46
C LEU D 112 -7.14 9.87 1.57
N THR E 24 -7.14 10.61 -9.03
CA THR E 24 -8.03 11.69 -8.59
C THR E 24 -9.45 11.42 -9.03
N GLU E 25 -9.82 10.13 -9.05
CA GLU E 25 -11.16 9.68 -9.38
C GLU E 25 -11.64 8.68 -8.33
N ALA E 26 -10.78 7.72 -7.98
CA ALA E 26 -11.06 6.90 -6.80
C ALA E 26 -11.08 7.75 -5.54
N GLN E 27 -10.31 8.85 -5.50
CA GLN E 27 -10.31 9.73 -4.34
C GLN E 27 -11.63 10.49 -4.22
N LYS E 28 -12.16 10.98 -5.35
CA LYS E 28 -13.51 11.52 -5.37
C LYS E 28 -14.51 10.52 -4.85
N LYS E 29 -14.40 9.27 -5.30
CA LYS E 29 -15.32 8.23 -4.87
C LYS E 29 -15.22 8.01 -3.37
N LYS E 30 -14.00 8.03 -2.85
CA LYS E 30 -13.78 7.85 -1.41
C LYS E 30 -14.50 8.93 -0.62
N LYS E 31 -14.33 10.18 -1.05
CA LYS E 31 -15.00 11.30 -0.39
C LYS E 31 -16.52 11.17 -0.47
N GLU E 32 -17.03 10.78 -1.65
CA GLU E 32 -18.48 10.65 -1.81
C GLU E 32 -19.05 9.54 -0.92
N LEU E 33 -18.33 8.42 -0.81
CA LEU E 33 -18.82 7.30 -0.01
C LEU E 33 -18.66 7.57 1.47
N SER E 34 -17.71 8.44 1.86
CA SER E 34 -17.68 8.91 3.23
C SER E 34 -18.96 9.69 3.55
N LYS E 35 -19.32 10.63 2.67
CA LYS E 35 -20.51 11.43 2.86
C LYS E 35 -21.75 10.54 2.96
N LYS E 36 -21.80 9.49 2.16
CA LYS E 36 -22.94 8.58 2.23
C LYS E 36 -22.96 7.80 3.56
N ALA E 37 -21.80 7.29 3.98
CA ALA E 37 -21.73 6.65 5.28
C ALA E 37 -22.24 7.56 6.41
N GLN E 38 -21.96 8.87 6.32
CA GLN E 38 -22.48 9.80 7.34
C GLN E 38 -24.00 9.96 7.22
N GLU E 39 -24.52 10.00 5.98
CA GLU E 39 -25.97 10.15 5.82
C GLU E 39 -26.70 8.92 6.32
N VAL E 40 -26.08 7.73 6.30
CA VAL E 40 -26.73 6.58 6.92
C VAL E 40 -27.00 6.85 8.40
N VAL E 41 -26.02 7.38 9.11
CA VAL E 41 -26.23 7.71 10.52
C VAL E 41 -27.34 8.75 10.65
N GLU E 42 -27.35 9.75 9.77
CA GLU E 42 -28.37 10.79 9.93
C GLU E 42 -29.76 10.23 9.67
N LEU E 43 -29.89 9.33 8.70
CA LEU E 43 -31.17 8.69 8.44
C LEU E 43 -31.60 7.82 9.61
N ALA E 44 -30.68 7.06 10.20
CA ALA E 44 -31.03 6.30 11.39
C ALA E 44 -31.51 7.21 12.53
N LYS E 45 -30.86 8.37 12.71
CA LYS E 45 -31.27 9.23 13.81
C LYS E 45 -32.70 9.71 13.63
N GLU E 46 -33.04 10.17 12.41
CA GLU E 46 -34.37 10.67 12.10
C GLU E 46 -35.35 9.56 11.74
N GLY E 47 -35.05 8.33 12.14
CA GLY E 47 -36.02 7.25 12.04
C GLY E 47 -36.24 6.63 10.67
N LYS E 48 -35.41 6.93 9.69
CA LYS E 48 -35.64 6.48 8.30
C LYS E 48 -34.79 5.24 7.98
N VAL E 49 -35.17 4.13 8.61
CA VAL E 49 -34.29 2.97 8.66
C VAL E 49 -34.16 2.33 7.28
N ASP E 50 -35.27 2.16 6.56
CA ASP E 50 -35.18 1.46 5.28
C ASP E 50 -34.31 2.20 4.27
N GLU E 51 -34.31 3.54 4.33
CA GLU E 51 -33.45 4.30 3.41
C GLU E 51 -31.99 4.33 3.89
N ALA E 52 -31.78 4.41 5.21
CA ALA E 52 -30.44 4.18 5.75
C ALA E 52 -29.89 2.86 5.22
N VAL E 53 -30.72 1.80 5.21
CA VAL E 53 -30.25 0.47 4.82
C VAL E 53 -29.93 0.43 3.33
N GLU E 54 -30.81 1.01 2.51
CA GLU E 54 -30.53 1.03 1.08
C GLU E 54 -29.23 1.78 0.79
N LEU E 55 -29.02 2.93 1.43
CA LEU E 55 -27.78 3.67 1.24
C LEU E 55 -26.56 2.86 1.70
N GLY E 56 -26.68 2.12 2.80
CA GLY E 56 -25.57 1.31 3.26
C GLY E 56 -25.18 0.26 2.24
N LEU E 57 -26.17 -0.44 1.68
CA LEU E 57 -25.86 -1.44 0.66
C LEU E 57 -25.28 -0.80 -0.60
N LYS E 58 -25.76 0.38 -0.98
CA LYS E 58 -25.14 1.05 -2.11
C LYS E 58 -23.67 1.38 -1.84
N VAL E 59 -23.36 1.89 -0.63
CA VAL E 59 -21.96 2.15 -0.30
C VAL E 59 -21.15 0.87 -0.41
N ILE E 60 -21.72 -0.24 0.06
CA ILE E 60 -21.00 -1.53 -0.03
C ILE E 60 -20.63 -1.82 -1.49
N GLU E 61 -21.61 -1.77 -2.39
CA GLU E 61 -21.35 -2.22 -3.76
C GLU E 61 -20.39 -1.28 -4.49
N GLU E 62 -20.59 0.03 -4.37
CA GLU E 62 -19.67 0.94 -5.03
C GLU E 62 -18.26 0.80 -4.47
N ALA E 63 -18.11 0.60 -3.15
CA ALA E 63 -16.77 0.45 -2.60
C ALA E 63 -16.11 -0.84 -3.08
N THR E 64 -16.90 -1.91 -3.25
CA THR E 64 -16.34 -3.18 -3.73
C THR E 64 -15.88 -3.07 -5.17
N LYS E 65 -16.67 -2.42 -6.04
CA LYS E 65 -16.27 -2.25 -7.44
C LYS E 65 -14.87 -1.62 -7.55
N LEU E 66 -14.60 -0.62 -6.73
CA LEU E 66 -13.34 0.12 -6.85
C LEU E 66 -12.30 -0.30 -5.82
N GLY E 67 -12.48 -1.45 -5.17
CA GLY E 67 -11.51 -2.00 -4.23
C GLY E 67 -11.11 -1.11 -3.06
N LEU E 68 -12.06 -0.43 -2.44
CA LEU E 68 -11.76 0.58 -1.42
C LEU E 68 -12.09 0.03 -0.03
N GLN E 69 -11.17 -0.78 0.51
CA GLN E 69 -11.32 -1.31 1.86
C GLN E 69 -11.62 -0.21 2.88
N ASP E 70 -10.87 0.89 2.84
CA ASP E 70 -11.04 1.91 3.88
C ASP E 70 -12.42 2.54 3.83
N ALA E 71 -13.02 2.61 2.64
CA ALA E 71 -14.40 3.05 2.53
C ALA E 71 -15.33 2.14 3.30
N VAL E 72 -15.11 0.82 3.22
CA VAL E 72 -15.97 -0.12 3.94
C VAL E 72 -15.68 -0.07 5.45
N MET E 73 -14.42 0.09 5.84
CA MET E 73 -14.10 0.26 7.26
C MET E 73 -14.84 1.47 7.85
N PHE E 74 -14.82 2.58 7.13
CA PHE E 74 -15.55 3.75 7.61
C PHE E 74 -17.05 3.46 7.65
N LEU E 75 -17.58 2.72 6.65
CA LEU E 75 -18.97 2.27 6.74
C LEU E 75 -19.24 1.50 8.02
N LEU E 76 -18.36 0.59 8.40
CA LEU E 76 -18.63 -0.23 9.57
C LEU E 76 -18.70 0.63 10.83
N PHE E 77 -17.72 1.53 10.98
CA PHE E 77 -17.77 2.54 12.05
C PHE E 77 -19.13 3.26 12.09
N LYS E 78 -19.57 3.75 10.92
CA LYS E 78 -20.80 4.52 10.88
C LYS E 78 -22.04 3.65 11.14
N LEU E 79 -22.01 2.38 10.72
CA LEU E 79 -23.08 1.46 11.03
C LEU E 79 -23.22 1.22 12.52
N HIS E 80 -22.08 1.10 13.21
CA HIS E 80 -22.13 1.04 14.68
C HIS E 80 -22.79 2.29 15.27
N GLU E 81 -22.47 3.48 14.75
CA GLU E 81 -23.13 4.70 15.25
C GLU E 81 -24.62 4.68 14.93
N ALA E 82 -24.99 4.12 13.77
CA ALA E 82 -26.42 3.98 13.46
C ALA E 82 -27.09 3.10 14.50
N VAL E 83 -26.42 2.03 14.92
CA VAL E 83 -27.01 1.15 15.94
C VAL E 83 -27.21 1.92 17.23
N HIS E 84 -26.22 2.74 17.63
CA HIS E 84 -26.41 3.64 18.77
C HIS E 84 -27.69 4.47 18.64
N GLU E 85 -27.89 5.08 17.47
CA GLU E 85 -29.05 5.96 17.32
C GLU E 85 -30.34 5.19 17.55
N LEU E 86 -30.43 4.02 16.93
CA LEU E 86 -31.66 3.23 17.02
C LEU E 86 -31.91 2.73 18.44
N LYS E 87 -30.85 2.26 19.10
CA LYS E 87 -30.99 1.85 20.49
C LYS E 87 -31.38 3.03 21.38
N LYS E 88 -30.96 4.24 21.01
CA LYS E 88 -31.44 5.41 21.71
C LYS E 88 -32.96 5.53 21.61
N LYS E 89 -33.54 5.15 20.46
CA LYS E 89 -34.99 5.20 20.28
C LYS E 89 -35.69 3.90 20.66
N GLY E 90 -34.96 2.95 21.24
CA GLY E 90 -35.49 1.62 21.53
C GLY E 90 -35.97 0.82 20.33
N ASN E 91 -35.67 1.28 19.11
CA ASN E 91 -36.07 0.57 17.90
C ASN E 91 -35.25 -0.69 17.63
N GLU E 92 -35.66 -1.85 18.19
CA GLU E 92 -34.93 -3.11 18.00
C GLU E 92 -35.06 -3.68 16.60
N GLU E 93 -36.18 -3.42 15.91
CA GLU E 93 -36.33 -3.90 14.53
C GLU E 93 -35.34 -3.19 13.60
N GLY E 94 -35.27 -1.87 13.68
CA GLY E 94 -34.27 -1.14 12.91
C GLY E 94 -32.85 -1.55 13.24
N VAL E 95 -32.57 -1.75 14.54
CA VAL E 95 -31.25 -2.27 14.96
C VAL E 95 -30.93 -3.55 14.22
N LYS E 96 -31.88 -4.49 14.20
CA LYS E 96 -31.63 -5.75 13.50
C LYS E 96 -31.34 -5.53 12.01
N LYS E 97 -32.11 -4.64 11.37
CA LYS E 97 -31.89 -4.39 9.94
C LYS E 97 -30.50 -3.77 9.68
N ILE E 98 -30.08 -2.84 10.55
CA ILE E 98 -28.73 -2.27 10.41
C ILE E 98 -27.69 -3.35 10.66
N GLU E 99 -27.93 -4.24 11.63
CA GLU E 99 -26.96 -5.29 11.89
C GLU E 99 -26.83 -6.23 10.71
N GLU E 100 -27.93 -6.50 10.01
CA GLU E 100 -27.88 -7.23 8.76
C GLU E 100 -26.91 -6.55 7.76
N VAL E 101 -27.15 -5.26 7.49
CA VAL E 101 -26.24 -4.53 6.60
C VAL E 101 -24.80 -4.58 7.14
N LYS E 102 -24.64 -4.56 8.47
CA LYS E 102 -23.29 -4.64 9.05
C LYS E 102 -22.62 -5.95 8.67
N LYS E 103 -23.35 -7.07 8.85
CA LYS E 103 -22.81 -8.38 8.51
C LYS E 103 -22.33 -8.42 7.06
N LYS E 104 -23.17 -7.91 6.16
CA LYS E 104 -22.79 -7.84 4.74
C LYS E 104 -21.51 -7.02 4.55
N ALA E 105 -21.44 -5.86 5.21
CA ALA E 105 -20.25 -5.03 5.12
C ALA E 105 -19.02 -5.81 5.55
N GLU E 106 -19.15 -6.60 6.62
CA GLU E 106 -18.00 -7.34 7.13
C GLU E 106 -17.52 -8.37 6.11
N GLU E 107 -18.46 -9.05 5.44
CA GLU E 107 -18.03 -10.02 4.43
C GLU E 107 -17.30 -9.33 3.28
N ALA E 108 -17.83 -8.21 2.80
CA ALA E 108 -17.16 -7.50 1.72
C ALA E 108 -15.80 -6.98 2.15
N LEU E 109 -15.70 -6.44 3.37
CA LEU E 109 -14.39 -6.00 3.88
C LEU E 109 -13.39 -7.15 3.85
N SER E 110 -13.80 -8.33 4.32
CA SER E 110 -12.88 -9.45 4.36
C SER E 110 -12.45 -9.89 2.95
N ARG E 111 -13.29 -9.65 1.94
CA ARG E 111 -12.89 -9.99 0.58
C ARG E 111 -12.08 -8.88 -0.11
N LEU E 112 -11.88 -7.75 0.56
CA LEU E 112 -11.09 -6.66 0.01
C LEU E 112 -9.76 -6.62 0.69
N GLU F 25 -3.57 -15.93 -1.61
CA GLU F 25 -3.50 -16.58 -0.32
C GLU F 25 -3.58 -15.58 0.83
N ALA F 26 -3.22 -14.33 0.56
CA ALA F 26 -3.53 -13.29 1.53
C ALA F 26 -5.04 -13.18 1.74
N GLN F 27 -5.80 -13.38 0.65
CA GLN F 27 -7.26 -13.38 0.74
C GLN F 27 -7.76 -14.35 1.79
N LYS F 28 -7.23 -15.58 1.76
CA LYS F 28 -7.70 -16.61 2.69
C LYS F 28 -7.43 -16.20 4.13
N LYS F 29 -6.23 -15.70 4.41
CA LYS F 29 -5.86 -15.38 5.79
C LYS F 29 -6.66 -14.20 6.32
N LYS F 30 -6.90 -13.20 5.46
CA LYS F 30 -7.70 -12.06 5.91
C LYS F 30 -9.12 -12.51 6.24
N LYS F 31 -9.68 -13.40 5.40
CA LYS F 31 -11.01 -13.96 5.64
C LYS F 31 -11.05 -14.73 6.96
N GLU F 32 -10.03 -15.57 7.19
CA GLU F 32 -9.99 -16.37 8.40
C GLU F 32 -9.95 -15.48 9.64
N LEU F 33 -9.11 -14.45 9.64
CA LEU F 33 -9.03 -13.60 10.84
C LEU F 33 -10.29 -12.73 11.02
N SER F 34 -10.94 -12.30 9.92
CA SER F 34 -12.26 -11.66 10.05
C SER F 34 -13.26 -12.57 10.75
N LYS F 35 -13.31 -13.83 10.31
CA LYS F 35 -14.16 -14.83 10.95
C LYS F 35 -13.82 -14.98 12.42
N LYS F 36 -12.52 -14.94 12.77
CA LYS F 36 -12.17 -15.07 14.18
C LYS F 36 -12.65 -13.87 15.01
N ALA F 37 -12.50 -12.65 14.51
CA ALA F 37 -12.97 -11.48 15.26
C ALA F 37 -14.50 -11.52 15.47
N GLN F 38 -15.23 -11.90 14.41
CA GLN F 38 -16.67 -12.13 14.54
C GLN F 38 -16.98 -13.18 15.61
N GLU F 39 -16.24 -14.29 15.63
CA GLU F 39 -16.48 -15.28 16.67
C GLU F 39 -16.13 -14.73 18.05
N VAL F 40 -15.23 -13.75 18.16
CA VAL F 40 -15.00 -13.15 19.48
C VAL F 40 -16.29 -12.52 20.00
N VAL F 41 -16.96 -11.75 19.13
CA VAL F 41 -18.23 -11.17 19.52
C VAL F 41 -19.18 -12.29 19.98
N GLU F 42 -19.44 -13.26 19.10
CA GLU F 42 -20.39 -14.35 19.42
C GLU F 42 -20.07 -15.04 20.75
N LEU F 43 -18.78 -15.32 20.98
CA LEU F 43 -18.36 -15.95 22.23
C LEU F 43 -18.68 -15.07 23.43
N ALA F 44 -18.56 -13.74 23.28
CA ALA F 44 -18.97 -12.87 24.37
C ALA F 44 -20.49 -12.91 24.56
N LYS F 45 -21.24 -12.95 23.47
CA LYS F 45 -22.70 -13.09 23.54
C LYS F 45 -23.11 -14.32 24.34
N GLU F 46 -22.55 -15.48 24.03
CA GLU F 46 -22.78 -16.71 24.79
C GLU F 46 -22.27 -16.62 26.21
N GLY F 47 -21.59 -15.54 26.58
CA GLY F 47 -21.08 -15.41 27.92
C GLY F 47 -19.81 -16.18 28.19
N LYS F 48 -19.11 -16.62 27.13
CA LYS F 48 -17.82 -17.32 27.25
C LYS F 48 -16.69 -16.31 27.07
N VAL F 49 -16.40 -15.60 28.16
CA VAL F 49 -15.44 -14.50 28.05
C VAL F 49 -14.03 -15.01 27.85
N ASP F 50 -13.63 -16.08 28.54
CA ASP F 50 -12.24 -16.53 28.46
C ASP F 50 -11.89 -17.13 27.10
N GLU F 51 -12.79 -17.94 26.52
CA GLU F 51 -12.58 -18.40 25.15
C GLU F 51 -12.49 -17.22 24.19
N ALA F 52 -13.28 -16.16 24.45
CA ALA F 52 -13.25 -14.97 23.62
C ALA F 52 -11.91 -14.26 23.73
N VAL F 53 -11.43 -14.07 24.96
CA VAL F 53 -10.14 -13.43 25.21
C VAL F 53 -9.03 -14.17 24.49
N GLU F 54 -9.08 -15.50 24.55
CA GLU F 54 -8.05 -16.33 23.92
C GLU F 54 -8.08 -16.22 22.40
N LEU F 55 -9.27 -16.30 21.79
CA LEU F 55 -9.35 -16.06 20.36
C LEU F 55 -8.77 -14.70 20.00
N GLY F 56 -9.09 -13.67 20.81
CA GLY F 56 -8.61 -12.34 20.52
C GLY F 56 -7.09 -12.27 20.50
N LEU F 57 -6.47 -12.88 21.52
CA LEU F 57 -5.02 -12.89 21.60
C LEU F 57 -4.40 -13.60 20.42
N LYS F 58 -5.00 -14.72 19.98
CA LYS F 58 -4.45 -15.42 18.82
C LYS F 58 -4.58 -14.57 17.57
N VAL F 59 -5.69 -13.83 17.43
CA VAL F 59 -5.82 -12.91 16.31
C VAL F 59 -4.69 -11.89 16.34
N ILE F 60 -4.39 -11.34 17.53
CA ILE F 60 -3.32 -10.35 17.65
C ILE F 60 -1.98 -10.95 17.22
N GLU F 61 -1.61 -12.09 17.81
CA GLU F 61 -0.39 -12.82 17.43
C GLU F 61 -0.27 -12.95 15.91
N GLU F 62 -1.27 -13.60 15.29
CA GLU F 62 -1.10 -13.97 13.89
C GLU F 62 -1.18 -12.77 12.96
N ALA F 63 -2.04 -11.77 13.25
CA ALA F 63 -2.06 -10.57 12.42
C ALA F 63 -0.74 -9.83 12.50
N THR F 64 -0.10 -9.82 13.66
CA THR F 64 1.15 -9.09 13.81
C THR F 64 2.28 -9.79 13.09
N LYS F 65 2.46 -11.08 13.34
CA LYS F 65 3.55 -11.77 12.68
C LYS F 65 3.42 -11.71 11.16
N LEU F 66 2.22 -11.48 10.63
CA LEU F 66 2.05 -11.43 9.19
C LEU F 66 1.96 -10.01 8.63
N GLY F 67 2.00 -9.00 9.50
CA GLY F 67 1.95 -7.59 9.07
C GLY F 67 0.58 -7.03 8.69
N LEU F 68 -0.49 -7.41 9.41
CA LEU F 68 -1.84 -7.17 8.91
C LEU F 68 -2.54 -6.15 9.82
N GLN F 69 -2.25 -4.87 9.56
CA GLN F 69 -2.85 -3.80 10.35
C GLN F 69 -4.38 -3.77 10.20
N ASP F 70 -4.89 -4.04 9.00
CA ASP F 70 -6.34 -3.99 8.82
C ASP F 70 -7.05 -5.09 9.60
N ALA F 71 -6.38 -6.23 9.83
CA ALA F 71 -7.04 -7.28 10.60
C ALA F 71 -7.09 -6.92 12.09
N VAL F 72 -6.04 -6.26 12.60
CA VAL F 72 -6.08 -5.75 13.97
C VAL F 72 -7.13 -4.64 14.11
N MET F 73 -7.24 -3.77 13.11
CA MET F 73 -8.24 -2.69 13.19
C MET F 73 -9.66 -3.26 13.21
N PHE F 74 -9.90 -4.29 12.39
CA PHE F 74 -11.20 -4.93 12.39
C PHE F 74 -11.47 -5.63 13.72
N LEU F 75 -10.47 -6.34 14.24
CA LEU F 75 -10.59 -6.92 15.58
C LEU F 75 -10.94 -5.87 16.64
N LEU F 76 -10.33 -4.69 16.57
CA LEU F 76 -10.62 -3.67 17.57
C LEU F 76 -12.10 -3.26 17.52
N PHE F 77 -12.60 -3.02 16.29
CA PHE F 77 -14.05 -2.84 16.10
C PHE F 77 -14.86 -3.93 16.79
N LYS F 78 -14.45 -5.18 16.61
CA LYS F 78 -15.24 -6.28 17.14
C LYS F 78 -15.13 -6.36 18.66
N LEU F 79 -13.99 -5.97 19.21
CA LEU F 79 -13.83 -5.94 20.67
C LEU F 79 -14.71 -4.86 21.30
N HIS F 80 -14.84 -3.70 20.64
CA HIS F 80 -15.79 -2.72 21.12
C HIS F 80 -17.21 -3.30 21.12
N GLU F 81 -17.55 -4.10 20.09
CA GLU F 81 -18.85 -4.78 20.08
C GLU F 81 -18.98 -5.75 21.24
N ALA F 82 -17.91 -6.49 21.54
CA ALA F 82 -17.94 -7.42 22.67
C ALA F 82 -18.16 -6.68 23.99
N VAL F 83 -17.59 -5.48 24.13
CA VAL F 83 -17.85 -4.67 25.32
C VAL F 83 -19.32 -4.25 25.38
N HIS F 84 -19.90 -3.81 24.26
CA HIS F 84 -21.34 -3.52 24.24
C HIS F 84 -22.14 -4.73 24.76
N GLU F 85 -21.84 -5.91 24.23
CA GLU F 85 -22.61 -7.09 24.63
C GLU F 85 -22.44 -7.37 26.12
N LEU F 86 -21.21 -7.35 26.63
CA LEU F 86 -21.03 -7.71 28.05
C LEU F 86 -21.62 -6.67 28.98
N LYS F 87 -21.64 -5.40 28.55
CA LYS F 87 -22.32 -4.38 29.34
C LYS F 87 -23.83 -4.49 29.24
N LYS F 88 -24.36 -5.10 28.18
CA LYS F 88 -25.79 -5.39 28.15
C LYS F 88 -26.20 -6.33 29.30
N LYS F 89 -25.28 -7.18 29.76
CA LYS F 89 -25.59 -8.10 30.84
C LYS F 89 -24.98 -7.64 32.17
N GLY F 90 -24.41 -6.44 32.20
CA GLY F 90 -23.88 -5.89 33.43
C GLY F 90 -22.76 -6.74 34.00
N ASN F 91 -21.87 -7.22 33.14
CA ASN F 91 -20.79 -8.12 33.52
C ASN F 91 -19.49 -7.33 33.51
N GLU F 92 -19.35 -6.49 34.55
CA GLU F 92 -18.16 -5.71 34.82
C GLU F 92 -16.84 -6.45 34.56
N GLU F 93 -16.68 -7.66 35.11
CA GLU F 93 -15.39 -8.34 35.00
C GLU F 93 -15.14 -8.82 33.59
N GLY F 94 -16.18 -9.33 32.92
CA GLY F 94 -16.03 -9.62 31.51
C GLY F 94 -15.56 -8.41 30.72
N VAL F 95 -16.18 -7.26 30.98
CA VAL F 95 -15.79 -6.01 30.34
C VAL F 95 -14.29 -5.74 30.55
N LYS F 96 -13.82 -5.83 31.80
CA LYS F 96 -12.41 -5.59 32.10
C LYS F 96 -11.50 -6.50 31.28
N LYS F 97 -11.83 -7.80 31.22
CA LYS F 97 -10.97 -8.71 30.48
C LYS F 97 -10.94 -8.36 28.99
N ILE F 98 -12.10 -8.06 28.41
CA ILE F 98 -12.12 -7.64 27.01
C ILE F 98 -11.30 -6.38 26.80
N GLU F 99 -11.36 -5.44 27.73
CA GLU F 99 -10.65 -4.19 27.56
C GLU F 99 -9.15 -4.38 27.64
N GLU F 100 -8.68 -5.32 28.46
CA GLU F 100 -7.25 -5.63 28.42
C GLU F 100 -6.85 -6.12 27.05
N VAL F 101 -7.65 -7.02 26.49
CA VAL F 101 -7.33 -7.51 25.14
C VAL F 101 -7.35 -6.37 24.14
N LYS F 102 -8.33 -5.47 24.27
CA LYS F 102 -8.37 -4.27 23.42
C LYS F 102 -7.06 -3.48 23.54
N LYS F 103 -6.54 -3.36 24.76
CA LYS F 103 -5.33 -2.57 24.98
C LYS F 103 -4.13 -3.17 24.22
N LYS F 104 -3.97 -4.51 24.32
CA LYS F 104 -2.92 -5.19 23.55
C LYS F 104 -3.13 -5.01 22.05
N ALA F 105 -4.39 -5.02 21.61
CA ALA F 105 -4.60 -4.83 20.19
C ALA F 105 -4.17 -3.44 19.75
N GLU F 106 -4.45 -2.43 20.57
CA GLU F 106 -4.11 -1.06 20.19
C GLU F 106 -2.61 -0.89 20.10
N GLU F 107 -1.88 -1.50 21.03
CA GLU F 107 -0.40 -1.50 20.95
C GLU F 107 0.09 -2.14 19.65
N ALA F 108 -0.33 -3.38 19.37
CA ALA F 108 0.19 -4.04 18.17
C ALA F 108 -0.17 -3.26 16.91
N LEU F 109 -1.40 -2.75 16.85
CA LEU F 109 -1.80 -1.85 15.77
C LEU F 109 -0.79 -0.72 15.61
N SER F 110 -0.43 -0.08 16.72
CA SER F 110 0.40 1.11 16.59
C SER F 110 1.77 0.75 16.05
N ARG F 111 2.22 -0.48 16.30
CA ARG F 111 3.50 -0.88 15.72
C ARG F 111 3.40 -1.29 14.25
N LEU F 112 2.22 -1.64 13.78
CA LEU F 112 2.04 -2.12 12.41
C LEU F 112 1.92 -0.96 11.43
#